data_2XN5
#
_entry.id   2XN5
#
_cell.length_a   172.880
_cell.length_b   42.150
_cell.length_c   56.190
_cell.angle_alpha   90.00
_cell.angle_beta   90.00
_cell.angle_gamma   90.00
#
_symmetry.space_group_name_H-M   'P 21 21 2'
#
loop_
_entity.id
_entity.type
_entity.pdbx_description
1 polymer 'THYROXINE-BINDING GLOBULIN'
2 polymer 'THYROXINE-BINDING GLOBULIN'
3 non-polymer '5-(AMINOSULFONYL)-4-CHLORO-2-[(2-FURYLMETHYL)AMINO]BENZOIC ACID'
4 non-polymer 'CALCIUM ION'
5 non-polymer 1,2-ETHANEDIOL
6 water water
#
loop_
_entity_poly.entity_id
_entity_poly.type
_entity_poly.pdbx_seq_one_letter_code
_entity_poly.pdbx_strand_id
1 'polypeptide(L)'
;SSQPNATLYKMSSINADFAFNLYRRFTVETPDKNIFFSPVSISAALVMLSFGACCSTQTEIVETLGFNLTDTPMVEIQHG
FQHLICSLNFPKKELELQIGNALFIGKHLKPLAKFLNDVKTLYETEVFSTDFSNISAAKQEINSHVEMQTKGKVVGLIQD
LKPNTIMVLVNYIHFKAQWANPFDPSKTEDSSSFLIDKTTTVQVPMMHQMEQYYHLVDMELNCTVLQMDYSKNALALFVL
PKEGQMESVEAAMSSKTLKKWNRLLQKGWVDLFVPKFSISATYDLGATLLKMGIQHAYSENADFSGLTEDNGLKLSNAAH
KAVLHIGEKGTEAAGAMFLEAIPRSIPNTF
;
A
2 'polypeptide(L)' LHPIIQIDRSFMLLILERSTRSILFLGKVVNPTEA B
#
# COMPACT_ATOMS: atom_id res chain seq x y z
N PRO A 4 9.82 -5.98 -19.99
CA PRO A 4 10.48 -4.73 -20.34
C PRO A 4 10.00 -3.54 -19.51
N ASN A 5 10.77 -2.46 -19.52
CA ASN A 5 10.53 -1.34 -18.61
C ASN A 5 9.36 -0.44 -18.97
N ALA A 6 9.03 -0.35 -20.26
CA ALA A 6 7.89 0.46 -20.70
C ALA A 6 6.60 -0.06 -20.05
N THR A 7 6.40 -1.38 -20.11
CA THR A 7 5.26 -2.01 -19.48
C THR A 7 5.30 -1.83 -17.96
N LEU A 8 6.47 -1.98 -17.36
CA LEU A 8 6.63 -1.82 -15.91
C LEU A 8 6.17 -0.42 -15.47
N TYR A 9 6.67 0.61 -16.12
CA TYR A 9 6.31 1.99 -15.76
C TYR A 9 4.81 2.28 -15.97
N LYS A 10 4.20 1.66 -16.98
CA LYS A 10 2.74 1.73 -17.17
C LYS A 10 1.99 1.08 -16.00
N MET A 11 2.41 -0.11 -15.57
CA MET A 11 1.78 -0.75 -14.41
C MET A 11 1.84 0.21 -13.22
N SER A 12 2.99 0.83 -12.97
CA SER A 12 3.17 1.63 -11.76
CA SER A 12 3.17 1.63 -11.76
C SER A 12 2.39 2.94 -11.80
N SER A 13 2.27 3.53 -13.00
CA SER A 13 1.48 4.77 -13.17
C SER A 13 -0.02 4.51 -12.99
N ILE A 14 -0.50 3.42 -13.58
CA ILE A 14 -1.89 2.97 -13.36
C ILE A 14 -2.10 2.62 -11.89
N ASN A 15 -1.15 1.90 -11.30
CA ASN A 15 -1.22 1.56 -9.87
C ASN A 15 -1.24 2.80 -8.97
N ALA A 16 -0.51 3.85 -9.37
CA ALA A 16 -0.45 5.07 -8.56
C ALA A 16 -1.76 5.84 -8.63
N ASP A 17 -2.38 5.87 -9.81
CA ASP A 17 -3.68 6.54 -9.92
C ASP A 17 -4.78 5.78 -9.16
N PHE A 18 -4.68 4.45 -9.11
CA PHE A 18 -5.56 3.64 -8.27
C PHE A 18 -5.32 4.01 -6.81
N ALA A 19 -4.06 4.12 -6.41
CA ALA A 19 -3.71 4.50 -5.05
C ALA A 19 -4.39 5.82 -4.63
N PHE A 20 -4.34 6.83 -5.48
CA PHE A 20 -4.94 8.13 -5.13
C PHE A 20 -6.47 8.11 -5.19
N ASN A 21 -7.05 7.33 -6.10
CA ASN A 21 -8.50 7.19 -6.14
C ASN A 21 -9.03 6.46 -4.90
N LEU A 22 -8.34 5.42 -4.46
CA LEU A 22 -8.73 4.69 -3.24
C LEU A 22 -8.51 5.57 -1.99
N TYR A 23 -7.39 6.28 -1.98
CA TYR A 23 -7.11 7.29 -0.95
C TYR A 23 -8.30 8.25 -0.82
N ARG A 24 -8.80 8.75 -1.95
CA ARG A 24 -9.90 9.71 -1.95
C ARG A 24 -11.20 9.07 -1.44
N ARG A 25 -11.41 7.79 -1.70
CA ARG A 25 -12.55 7.07 -1.13
C ARG A 25 -12.43 6.98 0.38
N PHE A 26 -11.23 6.72 0.87
CA PHE A 26 -10.96 6.70 2.31
C PHE A 26 -11.21 8.05 2.96
N THR A 27 -10.86 9.16 2.30
CA THR A 27 -11.11 10.49 2.87
C THR A 27 -12.59 10.77 3.04
N VAL A 28 -13.45 10.04 2.32
CA VAL A 28 -14.90 10.09 2.56
C VAL A 28 -15.32 9.12 3.67
N GLU A 29 -14.89 7.87 3.59
CA GLU A 29 -15.20 6.83 4.61
C GLU A 29 -14.79 7.23 6.02
N THR A 30 -13.56 7.74 6.16
CA THR A 30 -13.03 8.17 7.46
C THR A 30 -12.46 9.58 7.36
N PRO A 31 -13.34 10.60 7.36
CA PRO A 31 -12.92 11.97 7.10
C PRO A 31 -12.13 12.59 8.26
N ASP A 32 -11.14 13.43 7.96
CA ASP A 32 -10.28 14.10 8.96
C ASP A 32 -9.67 13.11 9.98
N LYS A 33 -9.25 11.95 9.47
CA LYS A 33 -8.62 10.91 10.28
C LYS A 33 -7.34 10.43 9.59
N ASN A 34 -6.43 9.86 10.36
CA ASN A 34 -5.22 9.26 9.80
C ASN A 34 -5.62 8.27 8.73
N ILE A 35 -4.89 8.29 7.62
CA ILE A 35 -4.99 7.28 6.57
C ILE A 35 -3.63 6.66 6.38
N PHE A 36 -3.56 5.33 6.27
CA PHE A 36 -2.31 4.69 5.90
C PHE A 36 -2.55 3.31 5.28
N PHE A 37 -2.09 3.12 4.04
CA PHE A 37 -2.18 1.82 3.39
C PHE A 37 -1.05 1.56 2.40
N SER A 38 -0.95 0.31 1.96
CA SER A 38 -0.05 -0.06 0.91
C SER A 38 -0.86 -0.29 -0.38
N PRO A 39 -0.84 0.69 -1.30
CA PRO A 39 -1.55 0.51 -2.57
C PRO A 39 -1.08 -0.70 -3.37
N VAL A 40 0.24 -0.89 -3.45
CA VAL A 40 0.79 -2.01 -4.20
C VAL A 40 0.36 -3.36 -3.62
N SER A 41 0.23 -3.46 -2.30
CA SER A 41 -0.28 -4.68 -1.67
C SER A 41 -1.70 -5.00 -2.15
N ILE A 42 -2.55 -3.97 -2.17
CA ILE A 42 -3.94 -4.16 -2.55
C ILE A 42 -4.03 -4.54 -4.02
N SER A 43 -3.31 -3.82 -4.86
CA SER A 43 -3.29 -4.10 -6.30
C SER A 43 -2.74 -5.50 -6.63
N ALA A 44 -1.67 -5.88 -5.94
CA ALA A 44 -1.02 -7.17 -6.19
C ALA A 44 -1.89 -8.36 -5.77
N ALA A 45 -2.62 -8.21 -4.67
CA ALA A 45 -3.58 -9.25 -4.22
C ALA A 45 -4.69 -9.47 -5.25
N LEU A 46 -5.27 -8.37 -5.74
CA LEU A 46 -6.39 -8.46 -6.67
C LEU A 46 -5.96 -8.96 -8.04
N VAL A 47 -4.75 -8.60 -8.48
CA VAL A 47 -4.20 -9.12 -9.72
C VAL A 47 -4.01 -10.64 -9.64
N MET A 48 -3.50 -11.10 -8.50
CA MET A 48 -3.36 -12.55 -8.27
C MET A 48 -4.70 -13.26 -8.36
N LEU A 49 -5.73 -12.67 -7.77
CA LEU A 49 -7.08 -13.25 -7.84
C LEU A 49 -7.53 -13.30 -9.29
N SER A 50 -7.21 -12.25 -10.05
CA SER A 50 -7.62 -12.17 -11.45
C SER A 50 -6.96 -13.23 -12.34
N PHE A 51 -5.79 -13.73 -11.93
CA PHE A 51 -5.14 -14.82 -12.68
C PHE A 51 -6.05 -16.04 -12.85
N GLY A 52 -6.89 -16.31 -11.85
CA GLY A 52 -7.79 -17.46 -11.87
C GLY A 52 -9.21 -17.16 -12.33
N ALA A 53 -9.46 -15.90 -12.69
CA ALA A 53 -10.77 -15.45 -13.12
C ALA A 53 -10.87 -15.50 -14.64
N CYS A 54 -12.08 -15.52 -15.16
CA CYS A 54 -12.31 -15.47 -16.62
C CYS A 54 -13.37 -14.44 -16.98
N CYS A 55 -13.41 -14.08 -18.27
CA CYS A 55 -14.48 -13.25 -18.83
C CYS A 55 -14.75 -11.99 -17.98
N SER A 56 -16.02 -11.66 -17.70
CA SER A 56 -16.33 -10.39 -17.04
C SER A 56 -15.86 -10.31 -15.59
N THR A 57 -15.72 -11.46 -14.92
CA THR A 57 -15.14 -11.48 -13.57
C THR A 57 -13.69 -10.99 -13.62
N GLN A 58 -12.94 -11.46 -14.61
CA GLN A 58 -11.53 -11.08 -14.76
C GLN A 58 -11.39 -9.62 -15.21
N THR A 59 -12.15 -9.23 -16.23
CA THR A 59 -12.05 -7.88 -16.77
C THR A 59 -12.47 -6.84 -15.73
N GLU A 60 -13.49 -7.13 -14.93
CA GLU A 60 -13.95 -6.19 -13.90
C GLU A 60 -12.87 -5.91 -12.88
N ILE A 61 -12.08 -6.94 -12.54
CA ILE A 61 -11.04 -6.79 -11.53
C ILE A 61 -9.94 -5.85 -12.03
N VAL A 62 -9.43 -6.08 -13.25
CA VAL A 62 -8.32 -5.28 -13.76
C VAL A 62 -8.78 -3.88 -14.17
N GLU A 63 -10.04 -3.75 -14.63
CA GLU A 63 -10.58 -2.43 -14.93
C GLU A 63 -10.77 -1.58 -13.67
N THR A 64 -11.21 -2.21 -12.58
CA THR A 64 -11.35 -1.56 -11.27
C THR A 64 -9.99 -1.11 -10.74
N LEU A 65 -8.94 -1.89 -11.04
CA LEU A 65 -7.57 -1.50 -10.68
C LEU A 65 -7.01 -0.36 -11.54
N GLY A 66 -7.74 0.03 -12.59
CA GLY A 66 -7.39 1.18 -13.42
C GLY A 66 -6.97 0.87 -14.85
N PHE A 67 -6.87 -0.41 -15.21
CA PHE A 67 -6.34 -0.76 -16.52
C PHE A 67 -7.39 -0.68 -17.62
N ASN A 68 -6.93 -0.28 -18.80
CA ASN A 68 -7.72 -0.30 -20.02
C ASN A 68 -7.17 -1.43 -20.89
N LEU A 69 -8.00 -2.44 -21.13
CA LEU A 69 -7.57 -3.66 -21.82
C LEU A 69 -7.24 -3.45 -23.30
N THR A 70 -7.66 -2.32 -23.87
CA THR A 70 -7.23 -1.94 -25.21
C THR A 70 -5.78 -1.47 -25.17
N ASP A 71 -5.46 -0.62 -24.19
CA ASP A 71 -4.11 -0.08 -23.99
C ASP A 71 -3.13 -1.17 -23.52
N THR A 72 -3.55 -1.95 -22.53
CA THR A 72 -2.72 -3.00 -21.93
C THR A 72 -3.52 -4.31 -21.82
N PRO A 73 -3.36 -5.21 -22.82
CA PRO A 73 -4.10 -6.48 -22.77
C PRO A 73 -3.84 -7.31 -21.52
N MET A 74 -4.78 -8.21 -21.25
CA MET A 74 -4.77 -9.01 -20.03
C MET A 74 -3.40 -9.64 -19.80
N VAL A 75 -2.83 -10.23 -20.83
CA VAL A 75 -1.55 -10.93 -20.73
C VAL A 75 -0.37 -9.98 -20.45
N GLU A 76 -0.44 -8.74 -20.93
CA GLU A 76 0.57 -7.73 -20.59
C GLU A 76 0.48 -7.34 -19.11
N ILE A 77 -0.74 -7.16 -18.61
CA ILE A 77 -0.98 -6.86 -17.20
C ILE A 77 -0.38 -7.97 -16.34
N GLN A 78 -0.66 -9.21 -16.73
CA GLN A 78 -0.15 -10.35 -15.99
C GLN A 78 1.38 -10.35 -15.97
N HIS A 79 2.00 -10.16 -17.14
CA HIS A 79 3.48 -10.08 -17.22
C HIS A 79 4.06 -8.89 -16.44
N GLY A 80 3.41 -7.73 -16.52
CA GLY A 80 3.90 -6.53 -15.84
C GLY A 80 3.96 -6.68 -14.32
N PHE A 81 2.89 -7.24 -13.76
CA PHE A 81 2.83 -7.45 -12.30
C PHE A 81 3.83 -8.52 -11.86
N GLN A 82 4.00 -9.53 -12.69
CA GLN A 82 5.01 -10.56 -12.42
C GLN A 82 6.42 -9.93 -12.40
N HIS A 83 6.69 -9.04 -13.35
CA HIS A 83 7.93 -8.27 -13.39
C HIS A 83 8.03 -7.35 -12.16
N LEU A 84 6.96 -6.64 -11.84
CA LEU A 84 6.93 -5.71 -10.70
C LEU A 84 7.32 -6.40 -9.40
N ILE A 85 6.70 -7.54 -9.11
CA ILE A 85 6.97 -8.25 -7.85
C ILE A 85 8.42 -8.70 -7.83
N CYS A 86 8.89 -9.23 -8.94
CA CYS A 86 10.27 -9.70 -9.06
C CYS A 86 11.27 -8.57 -8.78
N SER A 87 11.04 -7.42 -9.40
CA SER A 87 11.95 -6.26 -9.23
C SER A 87 11.95 -5.74 -7.80
N LEU A 88 10.78 -5.62 -7.19
CA LEU A 88 10.67 -5.14 -5.81
C LEU A 88 11.43 -6.03 -4.84
N ASN A 89 11.40 -7.34 -5.10
CA ASN A 89 12.06 -8.33 -4.25
C ASN A 89 13.55 -8.53 -4.51
N PHE A 90 14.07 -7.95 -5.60
CA PHE A 90 15.48 -8.12 -5.94
C PHE A 90 16.35 -7.49 -4.84
N PRO A 91 17.41 -8.18 -4.39
CA PRO A 91 18.19 -7.73 -3.24
C PRO A 91 18.83 -6.34 -3.45
N LYS A 92 18.60 -5.45 -2.48
CA LYS A 92 19.15 -4.11 -2.50
C LYS A 92 19.98 -3.95 -1.23
N LYS A 93 21.16 -3.36 -1.36
CA LYS A 93 22.09 -3.20 -0.23
C LYS A 93 21.49 -2.35 0.89
N GLU A 94 21.43 -2.92 2.09
CA GLU A 94 20.86 -2.27 3.29
C GLU A 94 19.46 -1.64 3.10
N LEU A 95 18.67 -2.20 2.20
CA LEU A 95 17.22 -1.98 2.15
C LEU A 95 16.53 -3.34 2.32
N GLU A 96 15.60 -3.41 3.26
CA GLU A 96 14.73 -4.57 3.42
C GLU A 96 13.44 -4.25 2.70
N LEU A 97 13.15 -4.99 1.64
CA LEU A 97 11.86 -4.87 0.96
C LEU A 97 11.42 -6.26 0.50
N GLN A 98 10.34 -6.75 1.08
CA GLN A 98 9.78 -8.07 0.75
C GLN A 98 8.30 -7.87 0.41
N ILE A 99 7.86 -8.37 -0.74
CA ILE A 99 6.44 -8.44 -1.06
C ILE A 99 6.16 -9.85 -1.59
N GLY A 100 5.11 -10.46 -1.08
CA GLY A 100 4.84 -11.86 -1.38
C GLY A 100 3.39 -12.21 -1.10
N ASN A 101 3.02 -13.42 -1.47
CA ASN A 101 1.65 -13.88 -1.31
C ASN A 101 1.61 -15.24 -0.62
N ALA A 102 0.48 -15.54 0.01
CA ALA A 102 0.22 -16.86 0.56
C ALA A 102 -1.22 -17.24 0.23
N LEU A 103 -1.39 -18.45 -0.28
CA LEU A 103 -2.71 -18.98 -0.59
C LEU A 103 -3.03 -20.12 0.37
N PHE A 104 -4.11 -19.96 1.13
CA PHE A 104 -4.58 -20.99 2.02
C PHE A 104 -5.80 -21.66 1.40
N ILE A 105 -5.60 -22.86 0.87
CA ILE A 105 -6.64 -23.53 0.09
C ILE A 105 -7.29 -24.63 0.92
N GLY A 106 -8.62 -24.63 0.96
CA GLY A 106 -9.37 -25.65 1.69
C GLY A 106 -9.00 -27.05 1.25
N LYS A 107 -8.98 -27.99 2.19
CA LYS A 107 -8.60 -29.39 1.93
C LYS A 107 -9.38 -30.04 0.78
N HIS A 108 -10.62 -29.60 0.56
CA HIS A 108 -11.50 -30.25 -0.40
C HIS A 108 -11.65 -29.49 -1.70
N LEU A 109 -11.00 -28.34 -1.81
CA LEU A 109 -11.04 -27.62 -3.07
C LEU A 109 -10.21 -28.35 -4.11
N LYS A 110 -10.54 -28.10 -5.37
CA LYS A 110 -9.91 -28.76 -6.49
C LYS A 110 -9.18 -27.73 -7.37
N PRO A 111 -8.09 -27.14 -6.84
CA PRO A 111 -7.35 -26.12 -7.57
C PRO A 111 -6.73 -26.66 -8.84
N LEU A 112 -6.65 -25.82 -9.86
CA LEU A 112 -5.99 -26.22 -11.10
C LEU A 112 -4.49 -26.16 -10.89
N ALA A 113 -3.80 -27.24 -11.30
CA ALA A 113 -2.35 -27.31 -11.21
C ALA A 113 -1.71 -26.12 -11.91
N LYS A 114 -2.31 -25.68 -13.03
CA LYS A 114 -1.85 -24.49 -13.75
C LYS A 114 -1.81 -23.25 -12.87
N PHE A 115 -2.92 -22.95 -12.19
CA PHE A 115 -3.00 -21.76 -11.33
C PHE A 115 -1.98 -21.80 -10.20
N LEU A 116 -1.86 -22.95 -9.55
CA LEU A 116 -0.91 -23.14 -8.46
C LEU A 116 0.54 -23.03 -8.91
N ASN A 117 0.89 -23.72 -9.99
N ASN A 117 0.89 -23.72 -9.99
CA ASN A 117 2.22 -23.64 -10.58
CA ASN A 117 2.22 -23.64 -10.58
C ASN A 117 2.58 -22.19 -10.95
C ASN A 117 2.58 -22.20 -10.96
N ASP A 118 1.63 -21.48 -11.54
CA ASP A 118 1.80 -20.07 -11.93
C ASP A 118 2.07 -19.12 -10.74
N VAL A 119 1.20 -19.15 -9.73
CA VAL A 119 1.40 -18.29 -8.56
C VAL A 119 2.71 -18.62 -7.82
N LYS A 120 3.05 -19.91 -7.74
CA LYS A 120 4.26 -20.32 -7.02
C LYS A 120 5.55 -19.90 -7.72
N THR A 121 5.60 -20.14 -9.03
CA THR A 121 6.82 -19.87 -9.81
C THR A 121 6.94 -18.41 -10.27
N LEU A 122 5.82 -17.73 -10.54
CA LEU A 122 5.83 -16.40 -11.16
C LEU A 122 5.36 -15.27 -10.26
N TYR A 123 4.85 -15.56 -9.07
CA TYR A 123 4.24 -14.52 -8.25
C TYR A 123 4.55 -14.68 -6.75
N GLU A 124 5.71 -15.26 -6.43
CA GLU A 124 6.18 -15.32 -5.06
C GLU A 124 5.05 -15.75 -4.12
N THR A 125 4.43 -16.89 -4.42
CA THR A 125 3.35 -17.42 -3.60
C THR A 125 3.71 -18.76 -2.97
N GLU A 126 3.40 -18.87 -1.68
CA GLU A 126 3.44 -20.12 -0.96
C GLU A 126 2.00 -20.62 -0.86
N VAL A 127 1.82 -21.92 -1.09
CA VAL A 127 0.50 -22.54 -1.05
C VAL A 127 0.43 -23.46 0.15
N PHE A 128 -0.63 -23.29 0.96
CA PHE A 128 -0.85 -24.10 2.15
C PHE A 128 -2.22 -24.77 2.11
N SER A 129 -2.22 -26.09 2.19
CA SER A 129 -3.45 -26.84 2.38
C SER A 129 -3.95 -26.58 3.81
N THR A 130 -5.17 -26.05 3.92
CA THR A 130 -5.70 -25.57 5.19
C THR A 130 -7.04 -26.24 5.51
N ASP A 131 -7.16 -26.70 6.76
CA ASP A 131 -8.39 -27.31 7.23
C ASP A 131 -9.32 -26.23 7.82
N PHE A 132 -10.23 -25.73 6.98
CA PHE A 132 -11.15 -24.67 7.38
C PHE A 132 -12.33 -25.17 8.23
N SER A 133 -12.43 -26.49 8.42
CA SER A 133 -13.38 -27.07 9.39
C SER A 133 -13.06 -26.67 10.85
N ASN A 134 -11.80 -26.31 11.11
N ASN A 134 -11.79 -26.30 11.08
CA ASN A 134 -11.41 -25.65 12.36
CA ASN A 134 -11.37 -25.66 12.32
C ASN A 134 -11.12 -24.19 12.06
C ASN A 134 -11.11 -24.18 12.04
N ILE A 135 -12.19 -23.41 11.92
CA ILE A 135 -12.09 -22.02 11.48
C ILE A 135 -11.26 -21.14 12.41
N SER A 136 -11.32 -21.43 13.71
CA SER A 136 -10.55 -20.69 14.70
C SER A 136 -9.05 -20.97 14.53
N ALA A 137 -8.68 -22.24 14.37
CA ALA A 137 -7.28 -22.60 14.13
C ALA A 137 -6.77 -22.00 12.80
N ALA A 138 -7.60 -22.03 11.77
CA ALA A 138 -7.22 -21.49 10.45
C ALA A 138 -6.94 -19.99 10.51
N LYS A 139 -7.81 -19.25 11.19
CA LYS A 139 -7.60 -17.81 11.40
C LYS A 139 -6.25 -17.54 12.09
N GLN A 140 -5.97 -18.26 13.17
CA GLN A 140 -4.70 -18.13 13.89
C GLN A 140 -3.50 -18.48 13.01
N GLU A 141 -3.62 -19.55 12.22
CA GLU A 141 -2.55 -19.97 11.31
C GLU A 141 -2.23 -18.85 10.30
N ILE A 142 -3.27 -18.31 9.68
CA ILE A 142 -3.10 -17.24 8.70
C ILE A 142 -2.52 -15.98 9.33
N ASN A 143 -3.08 -15.58 10.48
CA ASN A 143 -2.63 -14.37 11.18
C ASN A 143 -1.16 -14.48 11.63
N SER A 144 -0.77 -15.66 12.12
CA SER A 144 0.61 -15.87 12.56
C SER A 144 1.60 -15.87 11.38
N HIS A 145 1.16 -16.39 10.23
CA HIS A 145 2.00 -16.38 9.04
C HIS A 145 2.23 -14.96 8.57
N VAL A 146 1.17 -14.16 8.52
CA VAL A 146 1.29 -12.77 8.14
C VAL A 146 2.21 -12.02 9.10
N GLU A 147 2.04 -12.29 10.39
CA GLU A 147 2.87 -11.68 11.43
C GLU A 147 4.34 -12.02 11.17
N MET A 148 4.63 -13.28 10.88
CA MET A 148 6.00 -13.71 10.61
C MET A 148 6.61 -13.03 9.37
N GLN A 149 5.84 -13.02 8.28
CA GLN A 149 6.31 -12.44 7.01
C GLN A 149 6.42 -10.91 7.02
N THR A 150 5.79 -10.25 8.00
CA THR A 150 5.92 -8.80 8.19
C THR A 150 6.82 -8.46 9.39
N LYS A 151 7.64 -9.42 9.82
CA LYS A 151 8.63 -9.22 10.88
C LYS A 151 7.98 -8.77 12.18
N GLY A 152 6.80 -9.34 12.46
CA GLY A 152 6.06 -9.06 13.69
C GLY A 152 5.21 -7.80 13.66
N LYS A 153 5.20 -7.09 12.54
CA LYS A 153 4.60 -5.75 12.50
C LYS A 153 3.09 -5.70 12.23
N VAL A 154 2.57 -6.64 11.45
CA VAL A 154 1.13 -6.73 11.20
C VAL A 154 0.54 -7.88 11.99
N VAL A 155 -0.08 -7.55 13.12
CA VAL A 155 -0.64 -8.53 14.05
C VAL A 155 -2.15 -8.53 13.92
N GLY A 156 -2.73 -9.73 13.90
CA GLY A 156 -4.18 -9.90 13.88
C GLY A 156 -4.88 -9.38 12.64
N LEU A 157 -4.30 -9.61 11.46
CA LEU A 157 -4.90 -9.13 10.21
C LEU A 157 -6.38 -9.50 10.09
N ILE A 158 -6.69 -10.77 10.33
CA ILE A 158 -8.06 -11.29 10.23
C ILE A 158 -8.70 -11.32 11.62
N GLN A 159 -9.72 -10.48 11.82
CA GLN A 159 -10.46 -10.46 13.08
C GLN A 159 -11.62 -11.48 13.06
N ASP A 160 -12.32 -11.54 11.94
CA ASP A 160 -13.43 -12.47 11.75
C ASP A 160 -13.26 -13.21 10.44
N LEU A 161 -13.49 -14.53 10.48
CA LEU A 161 -13.40 -15.40 9.33
C LEU A 161 -14.74 -16.12 9.20
N LYS A 162 -15.38 -16.05 8.02
CA LYS A 162 -16.67 -16.73 7.83
C LYS A 162 -16.53 -18.23 8.06
N PRO A 163 -17.55 -18.86 8.67
CA PRO A 163 -17.46 -20.28 9.02
C PRO A 163 -17.41 -21.19 7.80
N ASN A 164 -17.94 -20.70 6.67
CA ASN A 164 -17.94 -21.46 5.42
C ASN A 164 -16.81 -21.05 4.46
N THR A 165 -15.77 -20.40 4.98
CA THR A 165 -14.58 -20.04 4.19
C THR A 165 -13.91 -21.31 3.66
N ILE A 166 -13.58 -21.32 2.38
CA ILE A 166 -12.84 -22.42 1.74
C ILE A 166 -11.53 -21.98 1.05
N MET A 167 -11.29 -20.67 0.96
CA MET A 167 -10.00 -20.16 0.48
C MET A 167 -9.71 -18.78 1.04
N VAL A 168 -8.44 -18.54 1.36
CA VAL A 168 -7.98 -17.20 1.74
C VAL A 168 -6.70 -16.90 0.95
N LEU A 169 -6.67 -15.72 0.33
CA LEU A 169 -5.50 -15.23 -0.38
C LEU A 169 -5.00 -14.04 0.42
N VAL A 170 -3.72 -14.06 0.77
CA VAL A 170 -3.08 -12.94 1.48
C VAL A 170 -1.86 -12.42 0.70
N ASN A 171 -1.76 -11.09 0.57
CA ASN A 171 -0.51 -10.42 0.12
C ASN A 171 0.07 -9.67 1.31
N TYR A 172 1.39 -9.73 1.47
CA TYR A 172 2.09 -9.00 2.52
C TYR A 172 3.26 -8.21 1.91
N ILE A 173 3.54 -7.06 2.53
CA ILE A 173 4.68 -6.23 2.20
C ILE A 173 5.36 -5.78 3.50
N HIS A 174 6.69 -5.88 3.53
CA HIS A 174 7.48 -5.36 4.63
C HIS A 174 8.64 -4.53 4.07
N PHE A 175 8.85 -3.36 4.69
CA PHE A 175 9.82 -2.36 4.25
C PHE A 175 10.55 -1.83 5.47
N LYS A 176 11.88 -1.86 5.44
CA LYS A 176 12.69 -1.32 6.52
C LYS A 176 13.96 -0.72 5.92
N ALA A 177 14.10 0.61 6.07
CA ALA A 177 15.21 1.32 5.47
C ALA A 177 15.75 2.39 6.39
N GLN A 178 17.04 2.69 6.27
CA GLN A 178 17.67 3.77 7.03
C GLN A 178 17.62 5.05 6.20
N TRP A 179 17.44 6.21 6.85
CA TRP A 179 17.57 7.49 6.11
C TRP A 179 18.99 7.64 5.54
N ALA A 180 19.09 8.20 4.34
CA ALA A 180 20.39 8.59 3.81
C ALA A 180 21.07 9.57 4.78
N ASN A 181 20.30 10.48 5.35
CA ASN A 181 20.77 11.35 6.42
C ASN A 181 19.99 11.17 7.74
N PRO A 182 20.47 10.24 8.61
CA PRO A 182 19.75 10.01 9.87
C PRO A 182 19.75 11.22 10.81
N PHE A 183 18.71 11.32 11.64
CA PHE A 183 18.63 12.42 12.59
C PHE A 183 19.46 12.09 13.81
N ASP A 184 19.99 13.13 14.43
CA ASP A 184 20.72 12.99 15.69
C ASP A 184 19.69 13.04 16.82
N PRO A 185 19.52 11.92 17.56
CA PRO A 185 18.52 11.92 18.64
C PRO A 185 18.76 12.96 19.74
N SER A 186 20.00 13.43 19.90
CA SER A 186 20.28 14.50 20.85
C SER A 186 19.68 15.84 20.41
N LYS A 187 19.28 15.95 19.13
CA LYS A 187 18.62 17.15 18.63
C LYS A 187 17.09 17.04 18.60
N THR A 188 16.56 15.86 18.91
CA THR A 188 15.11 15.66 18.93
C THR A 188 14.50 16.35 20.14
N GLU A 189 13.50 17.18 19.89
CA GLU A 189 12.78 17.88 20.97
C GLU A 189 11.68 16.97 21.51
N ASP A 190 11.80 16.58 22.78
CA ASP A 190 10.95 15.52 23.36
C ASP A 190 9.45 15.80 23.30
N SER A 191 9.07 17.05 23.53
CA SER A 191 7.67 17.44 23.46
C SER A 191 7.51 18.73 22.68
N SER A 192 7.13 18.59 21.41
CA SER A 192 6.82 19.71 20.54
C SER A 192 5.37 19.62 20.08
N SER A 193 4.80 20.77 19.75
CA SER A 193 3.40 20.90 19.36
CA SER A 193 3.40 20.87 19.37
C SER A 193 3.16 20.44 17.92
N PHE A 194 2.06 19.72 17.70
CA PHE A 194 1.63 19.31 16.37
C PHE A 194 0.14 19.62 16.27
N LEU A 195 -0.25 20.41 15.27
CA LEU A 195 -1.62 20.87 15.13
C LEU A 195 -2.48 19.77 14.47
N ILE A 196 -3.51 19.30 15.16
CA ILE A 196 -4.37 18.24 14.62
C ILE A 196 -5.72 18.78 14.14
N ASP A 197 -6.08 19.98 14.61
CA ASP A 197 -7.20 20.75 14.06
C ASP A 197 -6.99 22.22 14.45
N LYS A 198 -7.95 23.09 14.14
CA LYS A 198 -7.71 24.53 14.25
C LYS A 198 -7.33 25.02 15.65
N THR A 199 -7.87 24.38 16.69
CA THR A 199 -7.68 24.85 18.07
C THR A 199 -6.98 23.84 18.99
N THR A 200 -6.47 22.75 18.41
CA THR A 200 -5.98 21.63 19.19
C THR A 200 -4.61 21.16 18.71
N THR A 201 -3.67 21.13 19.63
CA THR A 201 -2.38 20.51 19.37
C THR A 201 -2.25 19.22 20.17
N VAL A 202 -1.34 18.35 19.73
CA VAL A 202 -0.86 17.23 20.52
C VAL A 202 0.65 17.36 20.63
N GLN A 203 1.24 16.67 21.60
CA GLN A 203 2.67 16.72 21.78
C GLN A 203 3.34 15.50 21.14
N VAL A 204 4.38 15.76 20.36
CA VAL A 204 5.16 14.72 19.68
C VAL A 204 6.66 15.01 19.81
N PRO A 205 7.49 13.96 19.82
CA PRO A 205 8.92 14.25 19.64
C PRO A 205 9.15 14.80 18.24
N MET A 206 9.86 15.92 18.14
CA MET A 206 10.12 16.55 16.86
C MET A 206 11.60 16.43 16.54
N MET A 207 11.92 15.65 15.52
CA MET A 207 13.30 15.49 15.08
C MET A 207 13.71 16.76 14.31
N HIS A 208 15.00 17.06 14.29
CA HIS A 208 15.47 18.33 13.73
C HIS A 208 16.83 18.11 13.08
N GLN A 209 16.94 18.47 11.80
CA GLN A 209 18.27 18.55 11.20
C GLN A 209 18.31 19.53 10.05
N MET A 210 19.47 20.15 9.87
CA MET A 210 19.70 21.06 8.76
C MET A 210 20.57 20.34 7.73
N GLU A 211 19.99 20.14 6.55
CA GLU A 211 20.61 19.30 5.56
C GLU A 211 20.13 19.72 4.18
N GLN A 212 20.87 19.28 3.16
CA GLN A 212 20.44 19.43 1.78
C GLN A 212 19.39 18.37 1.42
N TYR A 213 18.17 18.82 1.08
CA TYR A 213 17.08 17.93 0.67
C TYR A 213 16.49 18.41 -0.64
N TYR A 214 16.05 17.47 -1.46
CA TYR A 214 15.15 17.77 -2.57
C TYR A 214 13.84 18.29 -1.99
N HIS A 215 13.43 19.46 -2.44
CA HIS A 215 12.19 20.08 -1.98
C HIS A 215 11.63 21.03 -3.03
N LEU A 216 10.37 21.42 -2.84
CA LEU A 216 9.75 22.44 -3.67
C LEU A 216 8.50 22.99 -3.01
N VAL A 217 8.07 24.15 -3.48
CA VAL A 217 6.72 24.63 -3.22
C VAL A 217 5.97 24.55 -4.53
N ASP A 218 4.89 23.76 -4.56
CA ASP A 218 4.06 23.63 -5.75
C ASP A 218 3.17 24.85 -5.77
N MET A 219 3.38 25.70 -6.79
N MET A 219 3.39 25.71 -6.77
CA MET A 219 2.73 26.99 -6.90
CA MET A 219 2.71 26.99 -6.86
C MET A 219 1.30 26.92 -7.42
C MET A 219 1.24 26.85 -7.27
N GLU A 220 0.93 25.78 -8.01
CA GLU A 220 -0.44 25.51 -8.44
C GLU A 220 -1.27 24.90 -7.31
N LEU A 221 -0.70 23.90 -6.64
CA LEU A 221 -1.40 23.15 -5.58
C LEU A 221 -1.25 23.75 -4.19
N ASN A 222 -0.42 24.78 -4.04
CA ASN A 222 -0.20 25.44 -2.75
C ASN A 222 0.18 24.45 -1.64
N CYS A 223 1.27 23.73 -1.86
CA CYS A 223 1.80 22.79 -0.89
C CYS A 223 3.32 22.74 -0.98
N THR A 224 3.95 22.46 0.15
CA THR A 224 5.38 22.25 0.23
C THR A 224 5.60 20.75 0.08
N VAL A 225 6.59 20.37 -0.72
CA VAL A 225 6.96 18.95 -0.90
C VAL A 225 8.41 18.79 -0.44
N LEU A 226 8.63 17.85 0.50
CA LEU A 226 9.97 17.57 1.00
C LEU A 226 10.25 16.09 0.82
N GLN A 227 11.39 15.81 0.19
CA GLN A 227 11.81 14.44 -0.07
C GLN A 227 12.94 14.07 0.87
N MET A 228 12.79 12.94 1.57
N MET A 228 12.79 12.94 1.57
CA MET A 228 13.89 12.38 2.34
CA MET A 228 13.90 12.39 2.34
C MET A 228 14.24 11.02 1.74
C MET A 228 14.25 11.02 1.76
N ASP A 229 15.49 10.88 1.32
CA ASP A 229 15.97 9.64 0.68
C ASP A 229 16.28 8.60 1.73
N TYR A 230 16.04 7.34 1.38
CA TYR A 230 16.63 6.22 2.09
C TYR A 230 17.91 5.90 1.33
N SER A 231 18.82 5.22 2.00
CA SER A 231 20.17 5.04 1.48
C SER A 231 20.25 4.22 0.18
N LYS A 232 19.13 3.67 -0.28
CA LYS A 232 19.13 2.84 -1.47
C LYS A 232 17.75 2.79 -2.10
N ASN A 233 17.65 3.27 -3.35
CA ASN A 233 16.55 2.91 -4.24
C ASN A 233 15.16 3.43 -3.85
N ALA A 234 15.09 4.16 -2.75
CA ALA A 234 13.79 4.43 -2.14
C ALA A 234 13.79 5.81 -1.51
N LEU A 235 12.60 6.40 -1.39
CA LEU A 235 12.46 7.73 -0.82
C LEU A 235 11.09 7.93 -0.19
N ALA A 236 10.99 8.93 0.68
CA ALA A 236 9.73 9.32 1.27
C ALA A 236 9.44 10.75 0.84
N LEU A 237 8.20 11.03 0.51
CA LEU A 237 7.76 12.38 0.20
CA LEU A 237 7.73 12.36 0.18
C LEU A 237 6.77 12.83 1.26
N PHE A 238 7.02 14.00 1.85
CA PHE A 238 6.12 14.62 2.80
C PHE A 238 5.49 15.80 2.11
N VAL A 239 4.16 15.84 2.07
CA VAL A 239 3.40 16.89 1.38
C VAL A 239 2.64 17.70 2.41
N LEU A 240 3.01 18.97 2.55
CA LEU A 240 2.47 19.85 3.56
C LEU A 240 1.66 20.96 2.88
N PRO A 241 0.33 20.82 2.84
CA PRO A 241 -0.48 21.86 2.25
C PRO A 241 -0.41 23.14 3.06
N LYS A 242 -0.57 24.27 2.38
CA LYS A 242 -0.75 25.54 3.06
C LYS A 242 -2.04 25.48 3.87
N GLU A 243 -2.17 26.38 4.85
CA GLU A 243 -3.36 26.45 5.70
C GLU A 243 -4.65 26.40 4.89
N GLY A 244 -5.48 25.41 5.19
CA GLY A 244 -6.81 25.28 4.57
C GLY A 244 -6.85 24.63 3.19
N GLN A 245 -5.72 24.08 2.74
CA GLN A 245 -5.63 23.56 1.38
C GLN A 245 -5.49 22.04 1.27
N MET A 246 -5.61 21.30 2.38
CA MET A 246 -5.47 19.84 2.32
C MET A 246 -6.48 19.23 1.36
N GLU A 247 -7.75 19.64 1.45
CA GLU A 247 -8.79 19.08 0.57
C GLU A 247 -8.46 19.26 -0.93
N SER A 248 -8.02 20.47 -1.29
N SER A 248 -8.02 20.47 -1.29
CA SER A 248 -7.65 20.78 -2.68
CA SER A 248 -7.65 20.79 -2.67
C SER A 248 -6.47 19.93 -3.16
C SER A 248 -6.46 19.96 -3.16
N VAL A 249 -5.47 19.76 -2.30
CA VAL A 249 -4.31 18.91 -2.62
C VAL A 249 -4.73 17.43 -2.80
N GLU A 250 -5.57 16.92 -1.91
CA GLU A 250 -6.06 15.54 -2.03
C GLU A 250 -6.84 15.32 -3.33
N ALA A 251 -7.60 16.34 -3.75
CA ALA A 251 -8.38 16.23 -4.99
C ALA A 251 -7.49 16.21 -6.23
N ALA A 252 -6.34 16.86 -6.15
CA ALA A 252 -5.46 16.98 -7.32
C ALA A 252 -4.48 15.81 -7.49
N MET A 253 -4.16 15.06 -6.43
CA MET A 253 -3.09 14.06 -6.53
C MET A 253 -3.38 12.98 -7.59
N SER A 254 -2.35 12.71 -8.39
CA SER A 254 -2.39 11.68 -9.43
C SER A 254 -0.96 11.30 -9.76
N SER A 255 -0.79 10.30 -10.62
CA SER A 255 0.51 9.95 -11.18
C SER A 255 1.14 11.15 -11.89
N LYS A 256 0.30 11.97 -12.54
CA LYS A 256 0.74 13.17 -13.26
C LYS A 256 1.43 14.16 -12.30
N THR A 257 0.95 14.23 -11.06
CA THR A 257 1.55 15.10 -10.04
C THR A 257 2.96 14.62 -9.70
N LEU A 258 3.11 13.30 -9.54
CA LEU A 258 4.41 12.73 -9.19
C LEU A 258 5.40 12.91 -10.35
N LYS A 259 4.93 12.75 -11.58
CA LYS A 259 5.77 13.00 -12.75
C LYS A 259 6.24 14.45 -12.82
N LYS A 260 5.38 15.38 -12.42
N LYS A 260 5.37 15.38 -12.42
CA LYS A 260 5.71 16.79 -12.41
CA LYS A 260 5.68 16.80 -12.39
C LYS A 260 6.73 17.09 -11.32
C LYS A 260 6.71 17.10 -11.31
N TRP A 261 6.47 16.58 -10.11
CA TRP A 261 7.40 16.80 -8.98
C TRP A 261 8.78 16.17 -9.25
N ASN A 262 8.81 15.04 -9.94
CA ASN A 262 10.09 14.43 -10.32
C ASN A 262 10.99 15.42 -11.07
N ARG A 263 10.38 16.25 -11.93
CA ARG A 263 11.10 17.29 -12.66
C ARG A 263 11.46 18.51 -11.82
N LEU A 264 10.51 18.97 -10.99
CA LEU A 264 10.63 20.26 -10.29
C LEU A 264 11.43 20.20 -9.01
N LEU A 265 11.51 19.04 -8.37
CA LEU A 265 12.23 18.93 -7.10
C LEU A 265 13.70 19.33 -7.28
N GLN A 266 14.21 20.19 -6.38
CA GLN A 266 15.59 20.63 -6.43
C GLN A 266 16.20 20.52 -5.05
N LYS A 267 17.46 20.05 -4.99
CA LYS A 267 18.17 19.85 -3.73
C LYS A 267 18.81 21.15 -3.24
N GLY A 268 18.51 21.51 -2.00
CA GLY A 268 19.11 22.67 -1.36
C GLY A 268 18.95 22.59 0.15
N TRP A 269 19.62 23.51 0.85
CA TRP A 269 19.59 23.56 2.32
C TRP A 269 18.19 23.79 2.86
N VAL A 270 17.82 23.01 3.89
CA VAL A 270 16.55 23.16 4.59
C VAL A 270 16.80 22.94 6.08
N ASP A 271 16.25 23.82 6.90
CA ASP A 271 16.16 23.63 8.36
C ASP A 271 14.87 22.83 8.61
N LEU A 272 15.02 21.52 8.82
CA LEU A 272 13.88 20.59 8.79
C LEU A 272 13.49 20.12 10.19
N PHE A 273 12.18 20.14 10.45
CA PHE A 273 11.60 19.57 11.65
C PHE A 273 10.55 18.52 11.25
N VAL A 274 10.75 17.27 11.70
CA VAL A 274 9.90 16.11 11.33
C VAL A 274 9.55 15.32 12.59
N PRO A 275 8.26 14.98 12.79
CA PRO A 275 7.91 14.22 13.98
C PRO A 275 8.37 12.76 13.92
N LYS A 276 8.68 12.24 15.10
CA LYS A 276 8.91 10.81 15.34
C LYS A 276 7.58 10.24 15.81
N PHE A 277 7.07 9.22 15.13
CA PHE A 277 5.73 8.72 15.43
C PHE A 277 5.48 7.36 14.79
N SER A 278 4.41 6.71 15.25
CA SER A 278 3.92 5.49 14.64
C SER A 278 2.43 5.61 14.44
N ILE A 279 1.92 5.08 13.33
CA ILE A 279 0.47 4.96 13.17
C ILE A 279 0.08 3.60 12.59
N SER A 280 -1.21 3.28 12.71
CA SER A 280 -1.77 2.02 12.23
C SER A 280 -3.14 2.35 11.62
N ALA A 281 -3.52 1.61 10.59
CA ALA A 281 -4.86 1.73 10.02
C ALA A 281 -5.38 0.39 9.52
N THR A 282 -6.70 0.22 9.59
CA THR A 282 -7.36 -0.97 9.07
C THR A 282 -8.54 -0.57 8.20
N TYR A 283 -8.77 -1.35 7.15
CA TYR A 283 -9.84 -1.09 6.20
C TYR A 283 -10.59 -2.37 5.89
N ASP A 284 -11.92 -2.32 6.05
CA ASP A 284 -12.82 -3.33 5.54
C ASP A 284 -13.13 -2.89 4.11
N LEU A 285 -12.69 -3.67 3.14
CA LEU A 285 -12.71 -3.24 1.74
C LEU A 285 -13.79 -3.90 0.88
N GLY A 286 -14.47 -4.91 1.43
CA GLY A 286 -15.51 -5.66 0.71
C GLY A 286 -16.45 -4.77 -0.09
N ALA A 287 -17.19 -3.91 0.61
CA ALA A 287 -18.20 -3.04 -0.01
C ALA A 287 -17.57 -1.98 -0.93
N THR A 288 -16.41 -1.48 -0.53
CA THR A 288 -15.66 -0.47 -1.29
C THR A 288 -15.28 -0.99 -2.66
N LEU A 289 -14.73 -2.20 -2.71
CA LEU A 289 -14.33 -2.82 -3.98
C LEU A 289 -15.54 -3.12 -4.87
N LEU A 290 -16.65 -3.51 -4.26
CA LEU A 290 -17.92 -3.65 -5.00
C LEU A 290 -18.36 -2.34 -5.62
N LYS A 291 -18.36 -1.27 -4.82
CA LYS A 291 -18.72 0.04 -5.30
C LYS A 291 -17.80 0.50 -6.44
N MET A 292 -16.54 0.11 -6.38
CA MET A 292 -15.55 0.50 -7.38
C MET A 292 -15.68 -0.26 -8.71
N GLY A 293 -16.43 -1.37 -8.69
CA GLY A 293 -16.73 -2.10 -9.93
C GLY A 293 -16.45 -3.58 -9.94
N ILE A 294 -15.95 -4.12 -8.83
CA ILE A 294 -15.78 -5.57 -8.70
C ILE A 294 -17.12 -6.17 -8.27
N GLN A 295 -17.88 -6.66 -9.24
CA GLN A 295 -19.27 -7.11 -9.03
C GLN A 295 -19.41 -8.62 -9.12
N HIS A 296 -19.01 -9.18 -10.26
CA HIS A 296 -19.23 -10.60 -10.53
C HIS A 296 -18.45 -11.53 -9.62
N ALA A 297 -17.31 -11.06 -9.12
CA ALA A 297 -16.49 -11.85 -8.20
C ALA A 297 -17.26 -12.28 -6.95
N TYR A 298 -18.20 -11.44 -6.51
CA TYR A 298 -19.00 -11.68 -5.32
C TYR A 298 -20.28 -12.50 -5.57
N SER A 299 -20.63 -12.70 -6.84
CA SER A 299 -21.94 -13.19 -7.18
C SER A 299 -22.00 -14.72 -7.33
N GLU A 300 -23.23 -15.24 -7.35
CA GLU A 300 -23.43 -16.67 -7.58
C GLU A 300 -22.96 -17.12 -8.96
N ASN A 301 -22.76 -16.18 -9.89
CA ASN A 301 -22.22 -16.51 -11.22
C ASN A 301 -20.76 -16.05 -11.40
N ALA A 302 -20.03 -16.00 -10.29
CA ALA A 302 -18.60 -15.69 -10.32
C ALA A 302 -17.87 -16.68 -11.20
N ASP A 303 -16.99 -16.18 -12.06
CA ASP A 303 -16.23 -17.03 -12.99
C ASP A 303 -14.77 -17.04 -12.60
N PHE A 304 -14.41 -18.01 -11.76
CA PHE A 304 -13.03 -18.31 -11.42
C PHE A 304 -12.63 -19.70 -11.97
N SER A 305 -13.02 -19.93 -13.22
CA SER A 305 -12.76 -21.20 -13.93
C SER A 305 -11.27 -21.51 -14.12
N GLY A 306 -10.43 -20.49 -13.96
CA GLY A 306 -8.99 -20.66 -13.99
C GLY A 306 -8.38 -21.03 -12.66
N LEU A 307 -9.19 -21.12 -11.61
CA LEU A 307 -8.67 -21.32 -10.27
C LEU A 307 -8.92 -22.75 -9.80
N THR A 308 -10.16 -23.24 -9.97
CA THR A 308 -10.52 -24.61 -9.58
C THR A 308 -11.24 -25.34 -10.71
N GLU A 309 -11.22 -26.67 -10.64
CA GLU A 309 -11.89 -27.54 -11.62
C GLU A 309 -13.38 -27.25 -11.74
N ASP A 310 -14.02 -27.04 -10.61
CA ASP A 310 -15.48 -26.96 -10.56
C ASP A 310 -16.00 -25.52 -10.50
N ASN A 311 -15.10 -24.55 -10.53
CA ASN A 311 -15.49 -23.14 -10.38
C ASN A 311 -16.33 -23.01 -9.12
N GLY A 312 -15.80 -23.51 -8.01
CA GLY A 312 -16.60 -23.74 -6.81
C GLY A 312 -16.53 -22.69 -5.73
N LEU A 313 -16.04 -21.49 -6.05
CA LEU A 313 -15.90 -20.44 -5.05
C LEU A 313 -16.29 -19.04 -5.55
N LYS A 314 -16.57 -18.15 -4.60
CA LYS A 314 -16.80 -16.74 -4.88
C LYS A 314 -16.19 -15.90 -3.76
N LEU A 315 -15.86 -14.65 -4.09
CA LEU A 315 -15.31 -13.71 -3.12
C LEU A 315 -16.41 -13.34 -2.13
N SER A 316 -16.06 -13.22 -0.85
CA SER A 316 -17.01 -12.87 0.20
C SER A 316 -16.61 -11.62 1.00
N ASN A 317 -15.31 -11.47 1.29
CA ASN A 317 -14.82 -10.32 2.07
C ASN A 317 -13.40 -9.93 1.67
N ALA A 318 -13.03 -8.69 1.95
CA ALA A 318 -11.67 -8.20 1.73
C ALA A 318 -11.32 -7.16 2.79
N ALA A 319 -10.06 -7.16 3.21
CA ALA A 319 -9.60 -6.24 4.26
C ALA A 319 -8.10 -5.99 4.17
N HIS A 320 -7.68 -4.83 4.68
CA HIS A 320 -6.28 -4.41 4.64
C HIS A 320 -5.88 -3.84 6.00
N LYS A 321 -4.63 -4.11 6.39
CA LYS A 321 -4.04 -3.49 7.58
C LYS A 321 -2.64 -3.00 7.23
N ALA A 322 -2.29 -1.80 7.66
CA ALA A 322 -0.95 -1.28 7.47
C ALA A 322 -0.45 -0.50 8.69
N VAL A 323 0.87 -0.55 8.89
CA VAL A 323 1.52 0.07 10.01
C VAL A 323 2.77 0.85 9.53
N LEU A 324 3.09 1.92 10.27
CA LEU A 324 4.24 2.77 9.97
C LEU A 324 4.93 3.21 11.24
N HIS A 325 6.27 3.17 11.23
CA HIS A 325 7.06 3.84 12.26
C HIS A 325 8.16 4.69 11.60
N ILE A 326 8.22 5.97 11.98
CA ILE A 326 9.26 6.89 11.50
C ILE A 326 10.02 7.41 12.72
N GLY A 327 11.35 7.25 12.70
CA GLY A 327 12.21 7.79 13.73
C GLY A 327 13.52 8.31 13.19
N GLU A 328 14.49 8.47 14.07
CA GLU A 328 15.75 9.10 13.70
C GLU A 328 16.58 8.27 12.73
N LYS A 329 16.47 6.95 12.81
CA LYS A 329 17.34 6.07 12.03
C LYS A 329 16.77 5.84 10.65
N GLY A 330 15.44 5.82 10.56
CA GLY A 330 14.78 5.50 9.30
C GLY A 330 13.29 5.27 9.42
N THR A 331 12.80 4.34 8.60
CA THR A 331 11.37 4.00 8.51
C THR A 331 11.21 2.49 8.48
N GLU A 332 10.19 1.98 9.18
CA GLU A 332 9.75 0.59 9.04
C GLU A 332 8.24 0.64 8.84
N ALA A 333 7.79 0.02 7.74
CA ALA A 333 6.39 -0.04 7.38
C ALA A 333 6.04 -1.44 6.89
N ALA A 334 4.78 -1.81 7.06
CA ALA A 334 4.33 -3.12 6.63
C ALA A 334 2.83 -3.07 6.34
N GLY A 335 2.36 -3.98 5.49
CA GLY A 335 0.95 -4.02 5.11
C GLY A 335 0.57 -5.44 4.72
N ALA A 336 -0.73 -5.72 4.74
CA ALA A 336 -1.24 -7.01 4.32
C ALA A 336 -2.68 -6.87 3.83
N MET A 337 -2.98 -7.59 2.75
CA MET A 337 -4.30 -7.60 2.13
C MET A 337 -4.86 -9.03 2.26
N PHE A 338 -6.11 -9.11 2.67
CA PHE A 338 -6.84 -10.37 2.90
C PHE A 338 -8.03 -10.45 1.91
N LEU A 339 -8.10 -11.54 1.14
CA LEU A 339 -9.27 -11.87 0.31
C LEU A 339 -9.85 -13.22 0.76
N GLU A 340 -11.14 -13.24 1.08
CA GLU A 340 -11.84 -14.42 1.61
C GLU A 340 -12.79 -14.97 0.56
N ALA A 341 -12.82 -16.29 0.39
CA ALA A 341 -13.75 -16.94 -0.54
C ALA A 341 -14.59 -18.02 0.15
N ILE A 342 -15.83 -18.18 -0.33
CA ILE A 342 -16.79 -19.17 0.17
C ILE A 342 -17.34 -19.98 -1.01
N PRO A 343 -18.10 -21.07 -0.73
CA PRO A 343 -18.66 -21.82 -1.86
C PRO A 343 -19.54 -20.93 -2.73
N ARG A 344 -19.41 -21.08 -4.05
CA ARG A 344 -20.16 -20.25 -4.98
C ARG A 344 -21.64 -20.56 -4.88
N SER A 345 -22.06 -21.71 -5.00
N HIS B 2 18.68 29.79 5.65
CA HIS B 2 18.09 28.68 4.86
C HIS B 2 16.60 28.52 5.16
N PRO B 3 15.81 28.04 4.19
CA PRO B 3 14.37 27.90 4.42
C PRO B 3 14.03 26.87 5.50
N ILE B 4 13.06 27.20 6.34
CA ILE B 4 12.59 26.33 7.42
C ILE B 4 11.38 25.53 6.93
N ILE B 5 11.42 24.21 7.07
CA ILE B 5 10.24 23.39 6.82
C ILE B 5 9.91 22.67 8.11
N GLN B 6 8.73 22.98 8.67
CA GLN B 6 8.28 22.41 9.93
C GLN B 6 7.05 21.54 9.68
N ILE B 7 7.21 20.23 9.80
CA ILE B 7 6.10 19.30 9.62
C ILE B 7 5.35 19.21 10.95
N ASP B 8 4.55 20.24 11.24
CA ASP B 8 3.91 20.41 12.54
C ASP B 8 2.37 20.54 12.42
N ARG B 9 1.84 20.07 11.30
CA ARG B 9 0.40 19.94 11.12
C ARG B 9 0.13 18.88 10.05
N SER B 10 -1.14 18.61 9.80
CA SER B 10 -1.55 17.53 8.90
C SER B 10 -0.72 17.51 7.61
N PHE B 11 -0.25 16.33 7.23
CA PHE B 11 0.52 16.14 6.02
C PHE B 11 0.21 14.81 5.33
N MET B 12 0.38 14.77 4.01
CA MET B 12 0.37 13.49 3.29
C MET B 12 1.79 12.93 3.21
N LEU B 13 1.89 11.61 3.17
CA LEU B 13 3.15 10.88 3.14
C LEU B 13 3.07 9.83 2.04
N LEU B 14 4.15 9.73 1.27
CA LEU B 14 4.28 8.68 0.27
C LEU B 14 5.64 8.03 0.41
N ILE B 15 5.70 6.71 0.31
CA ILE B 15 6.97 6.01 0.23
C ILE B 15 7.04 5.37 -1.16
N LEU B 16 8.08 5.69 -1.92
CA LEU B 16 8.18 5.14 -3.26
C LEU B 16 9.50 4.45 -3.52
N GLU B 17 9.44 3.46 -4.40
CA GLU B 17 10.62 2.72 -4.83
C GLU B 17 10.97 3.23 -6.22
N ARG B 18 12.21 3.67 -6.40
CA ARG B 18 12.56 4.45 -7.59
C ARG B 18 12.65 3.63 -8.88
N SER B 19 13.26 2.45 -8.83
CA SER B 19 13.51 1.71 -10.07
C SER B 19 12.23 1.29 -10.78
N THR B 20 11.19 0.95 -10.02
CA THR B 20 9.88 0.60 -10.58
C THR B 20 8.91 1.78 -10.57
N ARG B 21 9.29 2.85 -9.88
CA ARG B 21 8.43 4.04 -9.67
C ARG B 21 7.11 3.69 -8.99
N SER B 22 7.16 2.74 -8.05
CA SER B 22 5.98 2.23 -7.36
CA SER B 22 5.97 2.26 -7.37
C SER B 22 5.73 2.95 -6.05
N ILE B 23 4.47 3.30 -5.80
CA ILE B 23 4.06 3.79 -4.49
C ILE B 23 3.82 2.57 -3.59
N LEU B 24 4.73 2.36 -2.65
CA LEU B 24 4.66 1.25 -1.71
C LEU B 24 3.65 1.53 -0.60
N PHE B 25 3.63 2.78 -0.12
CA PHE B 25 2.74 3.23 0.97
C PHE B 25 2.30 4.65 0.73
N LEU B 26 1.07 4.93 1.14
CA LEU B 26 0.43 6.23 0.96
C LEU B 26 -0.38 6.51 2.19
N GLY B 27 -0.37 7.76 2.66
CA GLY B 27 -1.16 8.07 3.82
C GLY B 27 -1.28 9.54 4.10
N LYS B 28 -2.11 9.84 5.09
CA LYS B 28 -2.21 11.18 5.67
C LYS B 28 -2.13 11.07 7.17
N VAL B 29 -1.28 11.90 7.75
CA VAL B 29 -1.10 11.96 9.20
C VAL B 29 -1.82 13.21 9.71
N VAL B 30 -2.94 13.00 10.39
CA VAL B 30 -3.71 14.09 11.02
C VAL B 30 -3.35 14.23 12.49
N ASN B 31 -3.23 13.10 13.19
CA ASN B 31 -2.83 13.06 14.59
C ASN B 31 -1.80 11.94 14.78
N PRO B 32 -0.51 12.32 14.87
CA PRO B 32 0.52 11.28 14.95
C PRO B 32 0.54 10.51 16.28
N THR B 33 -0.25 10.93 17.27
CA THR B 33 -0.30 10.26 18.57
C THR B 33 -1.54 9.36 18.77
N GLU B 34 -2.30 9.13 17.71
CA GLU B 34 -3.52 8.31 17.80
C GLU B 34 -3.19 6.84 18.05
N ALA B 35 -4.01 6.19 18.88
CA ALA B 35 -3.82 4.77 19.21
C ALA B 35 -5.18 4.09 19.34
#